data_7OYM
#
_entry.id   7OYM
#
_cell.length_a   42.260
_cell.length_b   41.270
_cell.length_c   72.300
_cell.angle_alpha   90.000
_cell.angle_beta   104.440
_cell.angle_gamma   90.000
#
_symmetry.space_group_name_H-M   'P 1 21 1'
#
loop_
_entity.id
_entity.type
_entity.pdbx_description
1 polymer 'Carbonic anhydrase 2'
2 polymer 'Hit2 (MH65)'
3 non-polymer 'ZINC ION'
4 water water
#
loop_
_entity_poly.entity_id
_entity_poly.type
_entity_poly.pdbx_seq_one_letter_code
_entity_poly.pdbx_strand_id
1 'polypeptide(L)'
;MSHHWGYGKHNGPEHWHKDFPIAKGERQSPVDIDTHTAKYDPSLKPLSVSYDQATSLRILNNGHAFNVEFDDSQDKAVLK
GGPLDGTYRLIQFHFHWGSLDGQGSEHTVDKKKYAAELHLVHWNTKYGDFGKAVQQPDGLAVLGIFLKVGSAKPGLQKVV
DVLDSIKTKGKSADFTNFDPRGLLPESLDYWTYPGSLTTPPLLECVTWIVLKEPISVSSEQVLKFRKLNFNGEGEPEELM
VDNWRPAQPLKNRQIKASFK
;
A
2 'polypeptide(L)' (65T)HPYKAHA B
#
loop_
_chem_comp.id
_chem_comp.type
_chem_comp.name
_chem_comp.formula
ZN non-polymer 'ZINC ION' 'Zn 2'
#
# COMPACT_ATOMS: atom_id res chain seq x y z
N HIS A 4 20.32 3.01 9.28
CA HIS A 4 18.85 2.95 9.37
C HIS A 4 18.33 1.89 8.42
N TRP A 5 17.12 1.45 8.62
CA TRP A 5 16.52 0.40 7.79
C TRP A 5 16.30 0.91 6.36
N GLY A 6 16.29 -0.01 5.42
CA GLY A 6 16.01 0.33 4.01
C GLY A 6 15.76 -0.93 3.21
N TYR A 7 16.17 -0.94 1.93
CA TYR A 7 16.02 -2.09 1.00
C TYR A 7 17.38 -2.58 0.39
N GLY A 8 18.54 -2.17 0.93
CA GLY A 8 19.85 -2.67 0.46
C GLY A 8 20.29 -4.02 1.13
N LYS A 9 21.48 -4.58 0.75
CA LYS A 9 21.92 -5.92 1.24
C LYS A 9 22.26 -5.80 2.74
N HIS A 10 22.72 -4.65 3.19
CA HIS A 10 23.06 -4.54 4.62
C HIS A 10 21.93 -3.97 5.46
N ASN A 11 20.81 -3.45 4.92
CA ASN A 11 19.77 -2.86 5.80
C ASN A 11 18.36 -3.27 5.36
N GLY A 12 18.23 -4.26 4.48
CA GLY A 12 16.95 -4.63 3.89
C GLY A 12 16.14 -5.53 4.80
N PRO A 13 15.01 -6.03 4.28
CA PRO A 13 14.04 -6.79 5.06
C PRO A 13 14.60 -7.90 5.95
N GLU A 14 15.68 -8.60 5.56
CA GLU A 14 16.19 -9.71 6.39
C GLU A 14 16.93 -9.18 7.61
N HIS A 15 17.19 -7.87 7.67
CA HIS A 15 17.86 -7.22 8.82
C HIS A 15 16.87 -6.58 9.78
N TRP A 16 15.64 -6.34 9.36
CA TRP A 16 14.73 -5.46 10.12
C TRP A 16 14.46 -6.01 11.52
N HIS A 17 14.47 -7.32 11.68
CA HIS A 17 14.12 -7.94 12.98
C HIS A 17 15.06 -7.48 14.09
N LYS A 18 16.28 -7.06 13.76
CA LYS A 18 17.24 -6.68 14.83
C LYS A 18 16.75 -5.43 15.55
N ASP A 19 16.20 -4.47 14.84
CA ASP A 19 15.66 -3.24 15.48
C ASP A 19 14.17 -3.38 15.76
N PHE A 20 13.48 -4.26 15.05
CA PHE A 20 12.01 -4.39 15.14
C PHE A 20 11.69 -5.87 15.26
N PRO A 21 11.84 -6.45 16.47
CA PRO A 21 11.69 -7.90 16.61
C PRO A 21 10.32 -8.47 16.20
N ILE A 22 9.29 -7.62 16.15
N ILE A 22 9.30 -7.61 16.16
CA ILE A 22 7.95 -8.04 15.68
CA ILE A 22 7.92 -7.94 15.68
C ILE A 22 8.04 -8.47 14.21
C ILE A 22 7.98 -8.34 14.20
N ALA A 23 9.13 -8.17 13.52
CA ALA A 23 9.34 -8.65 12.14
C ALA A 23 9.14 -10.16 12.05
N LYS A 24 9.40 -10.90 13.12
CA LYS A 24 9.20 -12.38 13.15
C LYS A 24 7.88 -12.73 13.88
N GLY A 25 6.92 -11.83 13.92
CA GLY A 25 5.67 -12.01 14.66
C GLY A 25 4.69 -12.95 13.99
N GLU A 26 3.52 -13.02 14.59
CA GLU A 26 2.47 -13.99 14.20
C GLU A 26 1.54 -13.43 13.13
N ARG A 27 1.59 -12.14 12.85
CA ARG A 27 0.65 -11.57 11.85
C ARG A 27 1.35 -10.53 10.99
N GLN A 28 2.45 -10.95 10.39
CA GLN A 28 3.23 -10.06 9.53
C GLN A 28 2.71 -10.04 8.08
N SER A 29 2.94 -8.92 7.44
CA SER A 29 2.57 -8.68 6.04
C SER A 29 3.79 -8.27 5.25
N PRO A 30 3.77 -8.44 3.92
CA PRO A 30 2.69 -9.07 3.13
C PRO A 30 2.74 -10.58 3.23
N VAL A 31 1.81 -11.23 2.52
CA VAL A 31 1.71 -12.69 2.40
C VAL A 31 1.43 -13.02 0.95
N ASP A 32 1.72 -14.27 0.61
CA ASP A 32 1.20 -14.86 -0.64
C ASP A 32 -0.26 -15.25 -0.43
N ILE A 33 -1.07 -14.84 -1.39
CA ILE A 33 -2.52 -15.18 -1.43
C ILE A 33 -2.66 -16.42 -2.29
N ASP A 34 -2.91 -17.55 -1.64
N ASP A 34 -2.85 -17.57 -1.64
CA ASP A 34 -3.15 -18.80 -2.36
CA ASP A 34 -3.17 -18.84 -2.31
C ASP A 34 -4.63 -18.84 -2.70
C ASP A 34 -4.65 -18.79 -2.68
N THR A 35 -4.95 -18.60 -3.96
CA THR A 35 -6.35 -18.36 -4.39
C THR A 35 -7.22 -19.58 -4.16
N HIS A 36 -6.63 -20.76 -4.22
CA HIS A 36 -7.42 -21.99 -4.07
C HIS A 36 -7.76 -22.24 -2.61
N THR A 37 -6.91 -21.78 -1.67
CA THR A 37 -7.08 -21.96 -0.20
C THR A 37 -7.92 -20.85 0.42
N ALA A 38 -7.97 -19.69 -0.19
CA ALA A 38 -8.76 -18.58 0.37
C ALA A 38 -10.21 -19.01 0.37
N LYS A 39 -10.88 -18.78 1.47
CA LYS A 39 -12.29 -19.22 1.55
C LYS A 39 -13.23 -18.08 1.18
N TYR A 40 -14.16 -18.38 0.28
CA TYR A 40 -15.28 -17.47 0.01
C TYR A 40 -16.09 -17.35 1.31
N ASP A 41 -16.32 -16.12 1.73
CA ASP A 41 -17.09 -15.84 2.96
C ASP A 41 -18.30 -15.04 2.57
N PRO A 42 -19.50 -15.68 2.50
CA PRO A 42 -20.71 -14.97 2.11
C PRO A 42 -21.13 -13.90 3.11
N SER A 43 -20.56 -13.91 4.32
CA SER A 43 -20.84 -12.90 5.38
C SER A 43 -20.10 -11.58 5.10
N LEU A 44 -19.08 -11.59 4.25
CA LEU A 44 -18.32 -10.37 3.92
C LEU A 44 -19.20 -9.43 3.11
N LYS A 45 -19.16 -8.15 3.45
CA LYS A 45 -19.99 -7.13 2.79
C LYS A 45 -19.22 -6.52 1.64
N PRO A 46 -19.93 -5.89 0.69
CA PRO A 46 -19.26 -5.06 -0.29
C PRO A 46 -18.45 -3.98 0.41
N LEU A 47 -17.32 -3.67 -0.18
CA LEU A 47 -16.48 -2.56 0.32
C LEU A 47 -17.21 -1.26 -0.01
N SER A 48 -17.20 -0.32 0.91
CA SER A 48 -17.71 1.04 0.69
C SER A 48 -16.52 1.98 0.66
N VAL A 49 -16.20 2.47 -0.51
CA VAL A 49 -15.09 3.43 -0.72
C VAL A 49 -15.74 4.78 -1.03
N SER A 50 -15.68 5.74 -0.12
CA SER A 50 -16.34 7.06 -0.26
C SER A 50 -15.25 8.12 -0.31
N TYR A 51 -14.77 8.41 -1.51
CA TYR A 51 -13.64 9.34 -1.76
C TYR A 51 -14.10 10.62 -2.44
N ASP A 52 -15.41 10.84 -2.65
CA ASP A 52 -15.91 12.06 -3.36
C ASP A 52 -15.42 13.35 -2.68
N GLN A 53 -15.24 13.39 -1.37
CA GLN A 53 -14.86 14.65 -0.66
C GLN A 53 -13.38 14.62 -0.26
N ALA A 54 -12.61 13.69 -0.81
CA ALA A 54 -11.18 13.59 -0.47
C ALA A 54 -10.47 14.93 -0.76
N THR A 55 -9.60 15.32 0.14
CA THR A 55 -8.77 16.54 0.06
C THR A 55 -7.31 16.14 0.15
N SER A 56 -6.70 15.97 -1.01
CA SER A 56 -5.25 15.76 -1.02
C SER A 56 -4.60 17.08 -0.69
N LEU A 57 -3.45 16.98 -0.05
CA LEU A 57 -2.71 18.20 0.32
C LEU A 57 -1.31 18.26 -0.29
N ARG A 58 -0.58 17.18 -0.23
CA ARG A 58 0.88 17.24 -0.43
C ARG A 58 1.41 15.88 -0.85
N ILE A 59 2.56 15.89 -1.52
CA ILE A 59 3.27 14.65 -1.88
C ILE A 59 4.69 14.77 -1.31
N LEU A 60 5.15 13.71 -0.69
CA LEU A 60 6.41 13.67 0.04
C LEU A 60 7.26 12.47 -0.37
N ASN A 61 8.52 12.69 -0.68
CA ASN A 61 9.52 11.61 -0.81
C ASN A 61 10.09 11.42 0.60
N ASN A 62 9.77 10.29 1.23
CA ASN A 62 10.21 10.05 2.62
C ASN A 62 11.45 9.18 2.66
N GLY A 63 12.11 8.95 1.53
CA GLY A 63 13.31 8.10 1.49
C GLY A 63 13.05 6.62 1.35
N HIS A 64 11.80 6.17 1.42
CA HIS A 64 11.43 4.75 1.19
C HIS A 64 10.36 4.62 0.10
N ALA A 65 9.53 5.62 -0.08
CA ALA A 65 8.51 5.70 -1.13
C ALA A 65 8.13 7.17 -1.26
N PHE A 66 7.06 7.46 -1.97
CA PHE A 66 6.43 8.78 -1.89
C PHE A 66 5.03 8.61 -1.36
N ASN A 67 4.64 9.50 -0.47
CA ASN A 67 3.28 9.51 0.10
C ASN A 67 2.46 10.67 -0.45
N VAL A 68 1.28 10.39 -0.97
CA VAL A 68 0.26 11.44 -1.26
C VAL A 68 -0.60 11.54 0.00
N GLU A 69 -0.56 12.70 0.64
CA GLU A 69 -1.17 12.93 1.96
C GLU A 69 -2.52 13.60 1.80
N PHE A 70 -3.41 13.27 2.71
CA PHE A 70 -4.78 13.81 2.72
C PHE A 70 -5.06 14.51 4.01
N ASP A 71 -6.01 15.42 3.95
CA ASP A 71 -6.61 16.00 5.17
C ASP A 71 -7.46 14.92 5.83
N ASP A 72 -7.04 14.44 6.98
CA ASP A 72 -7.79 13.41 7.75
C ASP A 72 -8.35 14.00 9.05
N SER A 73 -8.64 15.30 9.06
CA SER A 73 -9.20 16.01 10.25
C SER A 73 -10.73 15.99 10.25
N GLN A 74 -11.38 15.41 9.23
CA GLN A 74 -12.85 15.15 9.20
C GLN A 74 -13.11 13.83 8.47
N ASP A 75 -14.28 13.19 8.64
CA ASP A 75 -14.70 12.08 7.76
C ASP A 75 -14.93 12.71 6.40
N LYS A 76 -13.91 12.66 5.53
CA LYS A 76 -13.98 13.22 4.13
C LYS A 76 -13.72 12.17 3.04
N ALA A 77 -12.88 11.22 3.34
CA ALA A 77 -12.46 10.11 2.44
C ALA A 77 -12.42 8.89 3.32
N VAL A 78 -13.45 8.05 3.27
CA VAL A 78 -13.54 6.97 4.26
C VAL A 78 -13.80 5.63 3.58
N LEU A 79 -13.30 4.62 4.24
CA LEU A 79 -13.50 3.21 3.90
C LEU A 79 -14.33 2.60 5.00
N LYS A 80 -15.33 1.83 4.61
N LYS A 80 -15.40 1.92 4.59
CA LYS A 80 -16.16 1.07 5.57
CA LYS A 80 -16.40 1.25 5.46
C LYS A 80 -16.73 -0.14 4.86
C LYS A 80 -16.73 -0.11 4.86
N GLY A 81 -17.49 -0.92 5.59
CA GLY A 81 -18.04 -2.16 5.05
C GLY A 81 -16.93 -3.15 4.80
N GLY A 82 -17.11 -4.00 3.80
CA GLY A 82 -16.15 -5.09 3.59
C GLY A 82 -16.09 -5.90 4.88
N PRO A 83 -14.86 -6.20 5.38
CA PRO A 83 -14.69 -6.90 6.64
C PRO A 83 -14.70 -5.99 7.88
N LEU A 84 -14.83 -4.69 7.67
CA LEU A 84 -14.57 -3.67 8.71
C LEU A 84 -15.81 -3.43 9.58
N ASP A 85 -15.56 -3.12 10.82
CA ASP A 85 -16.55 -2.56 11.78
C ASP A 85 -16.19 -1.06 11.87
N GLY A 86 -17.16 -0.19 11.67
CA GLY A 86 -16.95 1.25 11.81
C GLY A 86 -16.25 1.86 10.61
N THR A 87 -15.63 3.01 10.84
CA THR A 87 -15.26 3.97 9.78
C THR A 87 -13.77 4.21 9.85
N TYR A 88 -13.13 4.15 8.68
CA TYR A 88 -11.67 4.33 8.58
C TYR A 88 -11.40 5.49 7.64
N ARG A 89 -10.58 6.42 8.08
CA ARG A 89 -10.30 7.67 7.34
C ARG A 89 -9.01 7.55 6.56
N LEU A 90 -9.03 7.96 5.30
CA LEU A 90 -7.82 7.97 4.45
C LEU A 90 -6.84 9.01 4.95
N ILE A 91 -5.61 8.59 5.22
CA ILE A 91 -4.50 9.49 5.62
C ILE A 91 -3.49 9.68 4.50
N GLN A 92 -3.15 8.62 3.76
CA GLN A 92 -2.14 8.73 2.69
C GLN A 92 -2.24 7.52 1.79
N PHE A 93 -1.74 7.66 0.57
CA PHE A 93 -1.42 6.48 -0.24
C PHE A 93 0.03 6.56 -0.70
N HIS A 94 0.56 5.38 -1.01
CA HIS A 94 1.91 5.24 -1.57
C HIS A 94 1.95 3.94 -2.37
N PHE A 95 3.08 3.71 -3.01
CA PHE A 95 3.31 2.50 -3.81
C PHE A 95 4.59 1.82 -3.34
N HIS A 96 4.68 0.55 -3.74
CA HIS A 96 5.92 -0.25 -3.73
C HIS A 96 6.13 -0.75 -5.16
N TRP A 97 7.36 -0.76 -5.64
CA TRP A 97 7.60 -1.13 -7.05
C TRP A 97 8.99 -1.72 -7.21
N GLY A 98 9.19 -2.26 -8.41
CA GLY A 98 10.41 -3.02 -8.71
C GLY A 98 11.38 -2.26 -9.58
N SER A 99 12.55 -2.88 -9.75
CA SER A 99 13.54 -2.43 -10.75
C SER A 99 13.16 -2.88 -12.16
N LEU A 100 12.33 -3.91 -12.28
CA LEU A 100 11.92 -4.67 -13.48
CA LEU A 100 11.83 -4.42 -13.58
C LEU A 100 10.41 -4.88 -13.39
N ASP A 101 9.72 -5.08 -14.49
CA ASP A 101 8.26 -5.25 -14.43
C ASP A 101 7.89 -6.55 -13.71
N GLY A 102 8.80 -7.53 -13.68
CA GLY A 102 8.51 -8.84 -13.08
C GLY A 102 8.55 -8.90 -11.56
N GLN A 103 8.78 -7.78 -10.90
CA GLN A 103 8.71 -7.75 -9.42
C GLN A 103 8.30 -6.35 -8.99
N GLY A 104 7.92 -6.24 -7.74
CA GLY A 104 7.57 -4.93 -7.16
C GLY A 104 6.45 -5.00 -6.18
N SER A 105 5.49 -5.92 -6.38
CA SER A 105 4.41 -6.03 -5.40
C SER A 105 4.91 -6.65 -4.12
N GLU A 106 4.16 -6.39 -3.06
CA GLU A 106 4.41 -6.96 -1.72
C GLU A 106 3.60 -8.24 -1.55
N HIS A 107 2.27 -8.12 -1.62
CA HIS A 107 1.45 -9.31 -1.77
C HIS A 107 1.75 -9.97 -3.13
N THR A 108 1.56 -11.28 -3.13
CA THR A 108 1.63 -12.09 -4.35
C THR A 108 0.35 -12.89 -4.45
N VAL A 109 0.05 -13.37 -5.66
CA VAL A 109 -1.19 -14.13 -5.92
C VAL A 109 -0.77 -15.44 -6.54
N ASP A 110 -0.88 -16.54 -5.81
CA ASP A 110 -0.35 -17.83 -6.32
C ASP A 110 1.11 -17.63 -6.76
N LYS A 111 1.86 -16.90 -5.96
CA LYS A 111 3.31 -16.61 -6.13
C LYS A 111 3.57 -15.61 -7.26
N LYS A 112 2.56 -15.13 -7.97
CA LYS A 112 2.76 -14.10 -8.99
C LYS A 112 3.10 -12.78 -8.31
N LYS A 113 4.14 -12.15 -8.80
CA LYS A 113 4.54 -10.79 -8.42
CA LYS A 113 4.54 -10.79 -8.41
C LYS A 113 4.09 -9.83 -9.49
N TYR A 114 3.39 -8.77 -9.08
CA TYR A 114 3.01 -7.69 -9.97
C TYR A 114 4.13 -6.64 -10.02
N ALA A 115 4.03 -5.74 -10.98
CA ALA A 115 5.06 -4.69 -11.19
C ALA A 115 5.07 -3.71 -10.01
N ALA A 116 3.93 -3.50 -9.36
CA ALA A 116 3.86 -2.54 -8.24
C ALA A 116 2.59 -2.84 -7.47
N GLU A 117 2.47 -2.16 -6.31
CA GLU A 117 1.31 -2.30 -5.46
C GLU A 117 1.05 -0.94 -4.81
N LEU A 118 -0.19 -0.49 -4.91
CA LEU A 118 -0.72 0.74 -4.29
C LEU A 118 -1.32 0.40 -2.95
N HIS A 119 -0.98 1.17 -1.94
CA HIS A 119 -1.53 1.06 -0.57
C HIS A 119 -2.25 2.35 -0.21
N LEU A 120 -3.56 2.29 -0.05
CA LEU A 120 -4.38 3.39 0.47
C LEU A 120 -4.58 3.12 1.95
N VAL A 121 -4.01 3.98 2.78
CA VAL A 121 -3.89 3.74 4.23
C VAL A 121 -4.97 4.52 4.97
N HIS A 122 -5.74 3.82 5.81
CA HIS A 122 -6.86 4.40 6.54
C HIS A 122 -6.77 4.03 8.01
N TRP A 123 -7.19 4.94 8.90
CA TRP A 123 -7.19 4.67 10.36
C TRP A 123 -8.60 4.69 10.91
N ASN A 124 -8.80 3.86 11.92
CA ASN A 124 -10.11 3.64 12.56
C ASN A 124 -10.46 4.86 13.43
N THR A 125 -11.54 5.54 13.08
CA THR A 125 -11.92 6.79 13.75
C THR A 125 -12.19 6.57 15.25
N LYS A 126 -12.43 5.33 15.67
CA LYS A 126 -12.72 5.11 17.10
C LYS A 126 -11.47 5.33 17.95
N TYR A 127 -10.26 5.44 17.37
CA TYR A 127 -9.02 5.70 18.14
C TYR A 127 -8.54 7.15 17.99
N GLY A 128 -9.26 7.98 17.24
CA GLY A 128 -9.05 9.43 17.32
C GLY A 128 -7.93 9.99 16.45
N ASP A 129 -6.74 9.35 16.45
N ASP A 129 -6.89 9.23 16.20
CA ASP A 129 -5.58 9.75 15.61
CA ASP A 129 -5.94 9.67 15.17
C ASP A 129 -4.81 8.52 15.10
C ASP A 129 -5.09 8.47 14.82
N PHE A 130 -4.09 8.70 13.99
CA PHE A 130 -3.30 7.61 13.39
C PHE A 130 -2.35 7.02 14.41
N GLY A 131 -1.65 7.85 15.19
CA GLY A 131 -0.64 7.33 16.13
C GLY A 131 -1.25 6.45 17.21
N LYS A 132 -2.47 6.75 17.64
CA LYS A 132 -3.18 5.85 18.59
C LYS A 132 -3.68 4.61 17.86
N ALA A 133 -4.15 4.76 16.62
CA ALA A 133 -4.69 3.62 15.87
C ALA A 133 -3.64 2.54 15.66
N VAL A 134 -2.39 2.91 15.38
CA VAL A 134 -1.38 1.87 15.07
C VAL A 134 -1.04 1.02 16.28
N GLN A 135 -1.49 1.41 17.48
CA GLN A 135 -1.28 0.62 18.71
C GLN A 135 -2.41 -0.38 18.93
N GLN A 136 -3.31 -0.55 17.97
CA GLN A 136 -4.52 -1.38 18.17
C GLN A 136 -4.59 -2.42 17.08
N PRO A 137 -5.11 -3.62 17.39
CA PRO A 137 -5.13 -4.68 16.40
C PRO A 137 -6.08 -4.43 15.24
N ASP A 138 -7.07 -3.56 15.45
CA ASP A 138 -8.01 -3.14 14.39
C ASP A 138 -7.85 -1.65 14.13
N GLY A 139 -6.63 -1.15 14.22
CA GLY A 139 -6.41 0.29 14.08
C GLY A 139 -6.42 0.80 12.65
N LEU A 140 -5.91 0.01 11.69
CA LEU A 140 -5.78 0.47 10.30
CA LEU A 140 -5.75 0.46 10.29
C LEU A 140 -6.51 -0.47 9.37
N ALA A 141 -6.89 0.07 8.22
CA ALA A 141 -7.34 -0.72 7.06
C ALA A 141 -6.54 -0.21 5.88
N VAL A 142 -5.79 -1.12 5.26
CA VAL A 142 -5.02 -0.76 4.07
C VAL A 142 -5.63 -1.49 2.89
N LEU A 143 -6.01 -0.67 1.91
CA LEU A 143 -6.56 -1.16 0.63
C LEU A 143 -5.40 -1.29 -0.34
N GLY A 144 -5.11 -2.53 -0.73
CA GLY A 144 -4.00 -2.82 -1.64
C GLY A 144 -4.52 -3.12 -3.04
N ILE A 145 -3.85 -2.51 -4.01
CA ILE A 145 -4.25 -2.62 -5.43
C ILE A 145 -3.00 -2.93 -6.23
N PHE A 146 -3.04 -4.02 -6.99
CA PHE A 146 -1.89 -4.41 -7.84
C PHE A 146 -1.85 -3.53 -9.07
N LEU A 147 -0.63 -3.31 -9.56
CA LEU A 147 -0.36 -2.64 -10.84
C LEU A 147 0.34 -3.62 -11.77
N LYS A 148 -0.19 -3.75 -12.99
CA LYS A 148 0.49 -4.44 -14.10
C LYS A 148 0.81 -3.40 -15.16
N VAL A 149 1.80 -3.70 -15.98
CA VAL A 149 2.24 -2.81 -17.06
C VAL A 149 1.49 -3.17 -18.35
N GLY A 150 0.80 -2.19 -18.89
CA GLY A 150 0.10 -2.33 -20.17
C GLY A 150 -0.34 -0.96 -20.60
N SER A 151 -1.64 -0.74 -20.66
N SER A 151 -1.65 -0.73 -20.65
CA SER A 151 -2.21 0.58 -20.97
CA SER A 151 -2.23 0.59 -20.99
C SER A 151 -1.89 1.55 -19.83
C SER A 151 -2.04 1.56 -19.83
N ALA A 152 -1.79 2.84 -20.14
CA ALA A 152 -1.64 3.89 -19.14
C ALA A 152 -2.90 3.99 -18.27
N LYS A 153 -2.69 4.40 -17.03
CA LYS A 153 -3.78 4.75 -16.10
C LYS A 153 -3.92 6.26 -16.12
N PRO A 154 -4.93 6.83 -16.80
CA PRO A 154 -4.95 8.28 -16.93
C PRO A 154 -4.94 9.00 -15.58
N GLY A 155 -5.63 8.43 -14.60
CA GLY A 155 -5.75 9.04 -13.26
C GLY A 155 -4.46 9.04 -12.46
N LEU A 156 -3.45 8.28 -12.90
CA LEU A 156 -2.12 8.26 -12.25
C LEU A 156 -1.21 9.37 -12.79
N GLN A 157 -1.49 9.93 -13.95
CA GLN A 157 -0.46 10.75 -14.61
C GLN A 157 -0.14 12.00 -13.78
N LYS A 158 -1.10 12.60 -13.07
CA LYS A 158 -0.80 13.79 -12.25
C LYS A 158 0.26 13.45 -11.19
N VAL A 159 0.19 12.26 -10.63
CA VAL A 159 1.21 11.80 -9.67
C VAL A 159 2.55 11.66 -10.39
N VAL A 160 2.57 10.98 -11.51
CA VAL A 160 3.83 10.74 -12.27
C VAL A 160 4.52 12.07 -12.56
N ASP A 161 3.74 13.06 -12.97
CA ASP A 161 4.32 14.31 -13.48
C ASP A 161 4.88 15.18 -12.37
N VAL A 162 4.55 14.95 -11.11
CA VAL A 162 5.08 15.78 -9.99
C VAL A 162 6.36 15.12 -9.44
N LEU A 163 6.68 13.89 -9.84
CA LEU A 163 7.80 13.16 -9.20
C LEU A 163 9.15 13.84 -9.47
N ASP A 164 9.29 14.52 -10.60
CA ASP A 164 10.54 15.26 -10.89
C ASP A 164 10.82 16.31 -9.81
N SER A 165 9.78 16.82 -9.14
CA SER A 165 9.90 17.89 -8.12
C SER A 165 10.18 17.30 -6.74
N ILE A 166 10.11 15.99 -6.55
CA ILE A 166 10.39 15.36 -5.22
C ILE A 166 11.39 14.20 -5.43
N LYS A 167 12.44 14.46 -6.21
CA LYS A 167 13.31 13.35 -6.65
C LYS A 167 13.98 12.70 -5.45
N THR A 168 14.33 13.50 -4.46
CA THR A 168 15.20 13.04 -3.38
C THR A 168 14.48 13.14 -2.00
N LYS A 169 15.00 12.33 -1.11
CA LYS A 169 14.47 12.15 0.24
C LYS A 169 14.30 13.50 0.94
N GLY A 170 13.12 13.71 1.51
CA GLY A 170 12.81 14.94 2.25
C GLY A 170 12.16 16.02 1.41
N LYS A 171 12.13 15.90 0.08
CA LYS A 171 11.44 16.88 -0.77
C LYS A 171 9.94 16.60 -0.72
N SER A 172 9.16 17.67 -0.63
CA SER A 172 7.69 17.63 -0.77
C SER A 172 7.19 18.67 -1.78
N ALA A 173 5.96 18.52 -2.25
CA ALA A 173 5.34 19.49 -3.17
C ALA A 173 3.86 19.58 -2.85
N ASP A 174 3.29 20.76 -3.01
CA ASP A 174 1.82 20.88 -2.89
C ASP A 174 1.20 19.92 -3.89
N PHE A 175 0.13 19.27 -3.47
CA PHE A 175 -0.53 18.27 -4.32
C PHE A 175 -1.99 18.23 -3.94
N THR A 176 -2.65 19.31 -4.26
CA THR A 176 -4.08 19.48 -3.96
C THR A 176 -4.94 18.99 -5.10
N ASN A 177 -6.20 18.70 -4.79
CA ASN A 177 -7.27 18.36 -5.76
C ASN A 177 -6.96 17.08 -6.54
N PHE A 178 -6.21 16.17 -5.96
CA PHE A 178 -5.99 14.88 -6.60
C PHE A 178 -7.10 13.93 -6.16
N ASP A 179 -7.74 13.27 -7.12
CA ASP A 179 -8.89 12.40 -6.85
C ASP A 179 -8.44 10.95 -6.87
N PRO A 180 -8.32 10.27 -5.70
CA PRO A 180 -7.85 8.88 -5.70
C PRO A 180 -8.82 7.89 -6.35
N ARG A 181 -10.05 8.32 -6.64
CA ARG A 181 -10.99 7.42 -7.37
C ARG A 181 -10.39 7.03 -8.72
N GLY A 182 -9.52 7.86 -9.29
CA GLY A 182 -8.90 7.56 -10.58
C GLY A 182 -7.86 6.45 -10.53
N LEU A 183 -7.57 5.88 -9.35
CA LEU A 183 -6.59 4.80 -9.19
C LEU A 183 -7.30 3.47 -8.94
N LEU A 184 -8.62 3.43 -8.89
CA LEU A 184 -9.35 2.21 -8.54
C LEU A 184 -9.61 1.40 -9.81
N PRO A 185 -9.64 0.06 -9.71
CA PRO A 185 -10.11 -0.79 -10.80
C PRO A 185 -11.65 -0.78 -10.81
N GLU A 186 -12.22 -1.46 -11.78
CA GLU A 186 -13.68 -1.52 -11.94
CA GLU A 186 -13.70 -1.54 -11.93
C GLU A 186 -14.30 -2.30 -10.77
N SER A 187 -13.78 -3.48 -10.48
CA SER A 187 -14.34 -4.36 -9.45
C SER A 187 -13.75 -4.06 -8.08
N LEU A 188 -14.58 -4.13 -7.05
CA LEU A 188 -14.11 -4.08 -5.65
C LEU A 188 -14.10 -5.47 -5.00
N ASP A 189 -14.08 -6.54 -5.78
CA ASP A 189 -13.86 -7.88 -5.21
C ASP A 189 -12.50 -7.92 -4.51
N TYR A 190 -12.44 -8.60 -3.38
CA TYR A 190 -11.23 -8.53 -2.54
C TYR A 190 -10.97 -9.81 -1.78
N TRP A 191 -9.71 -9.90 -1.34
CA TRP A 191 -9.28 -10.82 -0.28
C TRP A 191 -8.99 -10.01 0.98
N THR A 192 -9.15 -10.63 2.13
CA THR A 192 -8.85 -9.92 3.40
C THR A 192 -8.22 -10.87 4.41
N TYR A 193 -7.33 -10.32 5.22
CA TYR A 193 -6.70 -11.08 6.31
C TYR A 193 -6.13 -10.07 7.30
N PRO A 194 -5.85 -10.51 8.54
CA PRO A 194 -5.23 -9.64 9.54
C PRO A 194 -3.72 -9.64 9.40
N GLY A 195 -3.11 -8.46 9.37
CA GLY A 195 -1.67 -8.37 9.21
C GLY A 195 -1.07 -7.16 9.83
N SER A 196 -0.04 -6.65 9.17
CA SER A 196 0.86 -5.66 9.76
C SER A 196 1.18 -4.54 8.77
N LEU A 197 1.81 -3.49 9.29
CA LEU A 197 2.56 -2.58 8.43
C LEU A 197 3.66 -3.38 7.72
N THR A 198 3.96 -3.03 6.48
CA THR A 198 5.02 -3.74 5.73
C THR A 198 6.36 -3.03 5.78
N THR A 199 6.45 -1.91 6.48
CA THR A 199 7.72 -1.24 6.79
C THR A 199 7.80 -1.09 8.30
N PRO A 200 9.03 -0.95 8.84
CA PRO A 200 9.17 -0.55 10.23
C PRO A 200 8.26 0.63 10.57
N PRO A 201 7.55 0.61 11.71
CA PRO A 201 7.74 -0.34 12.81
C PRO A 201 7.03 -1.70 12.74
N LEU A 202 6.43 -2.07 11.60
CA LEU A 202 5.92 -3.45 11.37
C LEU A 202 4.81 -3.80 12.35
N LEU A 203 4.08 -2.81 12.84
CA LEU A 203 3.06 -3.03 13.88
C LEU A 203 1.92 -3.87 13.32
N GLU A 204 1.41 -4.75 14.17
CA GLU A 204 0.37 -5.72 13.81
C GLU A 204 -1.02 -5.11 14.06
N CYS A 205 -1.34 -4.12 13.25
CA CYS A 205 -2.49 -3.22 13.45
C CYS A 205 -3.38 -3.12 12.22
N VAL A 206 -3.16 -3.96 11.20
CA VAL A 206 -3.80 -3.74 9.88
C VAL A 206 -4.80 -4.84 9.56
N THR A 207 -6.01 -4.43 9.14
CA THR A 207 -6.89 -5.29 8.36
C THR A 207 -6.56 -5.03 6.89
N TRP A 208 -5.96 -6.03 6.24
CA TRP A 208 -5.62 -5.91 4.80
C TRP A 208 -6.83 -6.22 3.97
N ILE A 209 -7.04 -5.42 2.94
CA ILE A 209 -8.09 -5.62 1.94
C ILE A 209 -7.37 -5.49 0.59
N VAL A 210 -7.18 -6.60 -0.11
CA VAL A 210 -6.39 -6.63 -1.36
C VAL A 210 -7.37 -6.88 -2.50
N LEU A 211 -7.45 -5.95 -3.43
CA LEU A 211 -8.37 -6.10 -4.56
C LEU A 211 -7.85 -7.18 -5.52
N LYS A 212 -8.80 -7.97 -6.04
CA LYS A 212 -8.44 -9.00 -7.03
C LYS A 212 -8.05 -8.41 -8.38
N GLU A 213 -8.75 -7.37 -8.80
N GLU A 213 -8.66 -7.32 -8.80
CA GLU A 213 -8.57 -6.78 -10.14
CA GLU A 213 -8.41 -6.78 -10.16
C GLU A 213 -7.40 -5.81 -10.07
C GLU A 213 -7.27 -5.78 -10.12
N PRO A 214 -6.31 -6.01 -10.85
N PRO A 214 -6.16 -6.05 -10.84
CA PRO A 214 -5.24 -5.02 -10.88
CA PRO A 214 -5.09 -5.07 -10.96
C PRO A 214 -5.69 -3.81 -11.70
C PRO A 214 -5.52 -3.88 -11.83
N ILE A 215 -4.93 -2.74 -11.57
CA ILE A 215 -4.98 -1.63 -12.54
C ILE A 215 -3.81 -1.78 -13.50
N SER A 216 -4.00 -1.27 -14.69
N SER A 216 -3.97 -1.28 -14.72
CA SER A 216 -2.93 -1.19 -15.70
CA SER A 216 -2.91 -1.27 -15.74
C SER A 216 -2.32 0.19 -15.65
C SER A 216 -2.32 0.14 -15.83
N VAL A 217 -0.99 0.24 -15.69
CA VAL A 217 -0.24 1.51 -15.86
C VAL A 217 0.71 1.30 -17.03
N SER A 218 1.19 2.36 -17.63
CA SER A 218 2.08 2.18 -18.79
C SER A 218 3.52 1.95 -18.33
N SER A 219 4.32 1.42 -19.21
CA SER A 219 5.78 1.28 -18.98
CA SER A 219 5.77 1.27 -18.94
C SER A 219 6.35 2.66 -18.65
N GLU A 220 5.91 3.69 -19.35
CA GLU A 220 6.47 5.04 -19.14
C GLU A 220 6.11 5.55 -17.74
N GLN A 221 4.91 5.24 -17.25
CA GLN A 221 4.53 5.67 -15.88
C GLN A 221 5.43 4.99 -14.84
N VAL A 222 5.58 3.68 -14.91
CA VAL A 222 6.39 3.00 -13.88
C VAL A 222 7.88 3.39 -14.04
N LEU A 223 8.34 3.65 -15.26
CA LEU A 223 9.74 4.07 -15.46
C LEU A 223 9.98 5.37 -14.69
N LYS A 224 8.99 6.24 -14.60
CA LYS A 224 9.15 7.50 -13.83
C LYS A 224 9.19 7.25 -12.33
N PHE A 225 8.46 6.26 -11.81
CA PHE A 225 8.66 5.86 -10.42
C PHE A 225 10.12 5.49 -10.17
N ARG A 226 10.74 4.78 -11.12
CA ARG A 226 12.10 4.23 -10.96
C ARG A 226 13.18 5.29 -11.12
N LYS A 227 12.83 6.53 -11.45
CA LYS A 227 13.79 7.66 -11.48
C LYS A 227 13.89 8.36 -10.13
N LEU A 228 12.99 8.07 -9.21
CA LEU A 228 13.09 8.64 -7.86
C LEU A 228 14.37 8.12 -7.20
N ASN A 229 14.75 8.78 -6.13
CA ASN A 229 15.97 8.47 -5.37
C ASN A 229 15.64 8.20 -3.90
N PHE A 230 16.30 7.18 -3.38
CA PHE A 230 16.27 6.93 -1.92
C PHE A 230 17.09 7.99 -1.17
N ASN A 231 18.19 8.45 -1.77
CA ASN A 231 19.12 9.43 -1.17
C ASN A 231 18.50 10.81 -1.13
N GLY A 232 19.09 11.66 -0.28
CA GLY A 232 18.82 13.10 -0.23
C GLY A 232 19.63 13.85 -1.29
N GLU A 233 19.20 15.07 -1.61
CA GLU A 233 19.90 15.96 -2.57
C GLU A 233 21.38 16.09 -2.21
N GLY A 234 22.24 16.02 -3.23
CA GLY A 234 23.71 16.14 -3.13
C GLY A 234 24.32 14.97 -2.41
N GLU A 235 23.62 13.82 -2.37
CA GLU A 235 24.19 12.51 -1.98
C GLU A 235 24.30 11.61 -3.21
N PRO A 236 25.13 10.55 -3.10
CA PRO A 236 25.36 9.60 -4.19
C PRO A 236 24.01 9.04 -4.62
N GLU A 237 23.74 8.99 -5.92
CA GLU A 237 22.41 8.57 -6.42
C GLU A 237 22.15 7.09 -6.17
N GLU A 238 21.06 6.77 -5.50
CA GLU A 238 20.59 5.40 -5.27
C GLU A 238 19.14 5.35 -5.75
N LEU A 239 18.90 4.72 -6.90
CA LEU A 239 17.53 4.76 -7.46
C LEU A 239 16.57 4.11 -6.46
N MET A 240 15.40 4.71 -6.31
CA MET A 240 14.30 4.19 -5.48
C MET A 240 13.58 3.12 -6.32
N VAL A 241 14.07 1.88 -6.18
CA VAL A 241 13.52 0.68 -6.82
C VAL A 241 13.59 -0.46 -5.82
N ASP A 242 12.71 -1.44 -6.02
CA ASP A 242 12.69 -2.64 -5.17
C ASP A 242 12.47 -2.27 -3.70
N ASN A 243 11.52 -1.38 -3.48
CA ASN A 243 11.11 -0.95 -2.12
C ASN A 243 9.93 -1.78 -1.61
N TRP A 244 10.01 -3.09 -1.80
CA TRP A 244 8.99 -4.05 -1.37
C TRP A 244 9.58 -5.05 -0.39
N ARG A 245 8.76 -5.43 0.56
CA ARG A 245 9.06 -6.53 1.50
C ARG A 245 8.53 -7.81 0.90
N PRO A 246 9.28 -8.91 0.91
CA PRO A 246 8.70 -10.13 0.37
CA PRO A 246 8.79 -10.19 0.44
C PRO A 246 7.66 -10.75 1.30
N ALA A 247 6.96 -11.75 0.75
CA ALA A 247 5.91 -12.46 1.49
C ALA A 247 6.48 -13.09 2.76
N GLN A 248 5.70 -12.98 3.83
CA GLN A 248 6.02 -13.48 5.17
C GLN A 248 5.15 -14.68 5.48
N PRO A 249 5.54 -15.48 6.49
CA PRO A 249 4.78 -16.69 6.81
C PRO A 249 3.34 -16.39 7.23
N LEU A 250 2.42 -17.16 6.68
CA LEU A 250 0.97 -16.95 6.98
C LEU A 250 0.66 -17.32 8.43
N LYS A 251 1.33 -18.33 8.98
CA LYS A 251 1.12 -18.75 10.39
C LYS A 251 -0.36 -19.07 10.59
N ASN A 252 -0.95 -18.69 11.71
CA ASN A 252 -2.30 -19.13 12.05
C ASN A 252 -3.28 -18.10 11.53
N ARG A 253 -3.32 -17.88 10.18
CA ARG A 253 -4.26 -16.98 9.55
C ARG A 253 -5.02 -17.57 8.39
N GLN A 254 -6.23 -17.07 8.24
CA GLN A 254 -7.09 -17.41 7.13
C GLN A 254 -7.26 -16.18 6.25
N ILE A 255 -7.09 -16.37 4.96
CA ILE A 255 -7.42 -15.34 3.96
C ILE A 255 -8.83 -15.63 3.46
N LYS A 256 -9.68 -14.63 3.49
CA LYS A 256 -11.10 -14.74 3.08
CA LYS A 256 -11.08 -14.78 3.06
C LYS A 256 -11.29 -14.00 1.77
N ALA A 257 -12.13 -14.54 0.91
CA ALA A 257 -12.49 -13.93 -0.38
C ALA A 257 -13.91 -13.39 -0.28
N SER A 258 -14.14 -12.22 -0.87
CA SER A 258 -15.48 -11.59 -0.93
C SER A 258 -16.32 -12.16 -2.09
N PHE A 259 -15.71 -13.00 -2.92
CA PHE A 259 -16.27 -13.39 -4.25
C PHE A 259 -16.10 -14.87 -4.45
N LYS A 260 -16.96 -15.46 -5.26
CA LYS A 260 -17.02 -16.92 -5.54
C LYS A 260 -16.33 -17.22 -6.89
C 65T B 1 4.70 4.74 13.03
O 65T B 1 4.34 4.51 14.19
CA 65T B 1 3.85 4.21 11.95
N3 65T B 1 3.99 4.57 10.75
O4 65T B 1 3.27 3.74 9.88
C11 65T B 1 3.41 4.24 8.54
C01 65T B 1 3.00 3.13 7.59
C02 65T B 1 1.77 3.15 6.93
C03 65T B 1 1.44 2.16 6.03
C04 65T B 1 2.33 1.12 5.79
S07 65T B 1 1.94 -0.15 4.61
NP0 65T B 1 3.16 -0.28 3.60
O09 65T B 1 0.78 0.32 3.91
O08 65T B 1 1.80 -1.34 5.40
C05 65T B 1 3.55 1.10 6.45
C06 65T B 1 3.87 2.10 7.35
N HIS B 2 5.87 5.34 12.72
CA HIS B 2 6.72 6.09 13.65
C HIS B 2 5.88 6.63 14.81
N PRO B 3 5.05 7.66 14.59
CA PRO B 3 4.66 8.54 15.69
C PRO B 3 5.78 9.51 16.06
N TYR B 4 6.93 8.92 16.52
ZN ZN C . 2.82 0.10 1.72
#